data_2IJE
#
_entry.id   2IJE
#
_cell.length_a   75.430
_cell.length_b   77.801
_cell.length_c   110.303
_cell.angle_alpha   90.00
_cell.angle_beta   90.00
_cell.angle_gamma   90.00
#
_symmetry.space_group_name_H-M   'C 2 2 21'
#
loop_
_entity.id
_entity.type
_entity.pdbx_description
1 polymer 'Guanine nucleotide-releasing protein'
2 non-polymer GLYCEROL
3 water water
#
_entity_poly.entity_id   1
_entity_poly.type   'polypeptide(L)'
_entity_poly.pdbx_seq_one_letter_code
;GPLGSALEIAEQLTLLDHLVFKSIPYEEFFGQGWMKAEKYERTPYIMKTTKHFNHVSNFIASEIIRNEDISARASAIEKW
VAVADICRCLHNYNAVLEITSSINRSAIFRLKKTWLKVSKQTKSLLDKLQKLVSSDGRFKNLRESLRNCDPPCVPYLGMY
LTDLVFIEEGTPNYTEDGLVNFSKMRMISHIIREIRQFQQTTYKIDPQPKVIQYLLDESFMLDEESLYESSLLIEPKLPT
;
_entity_poly.pdbx_strand_id   S
#
# COMPACT_ATOMS: atom_id res chain seq x y z
N GLY A 1 -24.86 -7.46 0.08
CA GLY A 1 -24.39 -7.71 -1.30
C GLY A 1 -22.89 -7.49 -1.48
N PRO A 2 -22.39 -7.69 -2.71
CA PRO A 2 -20.97 -7.52 -3.00
C PRO A 2 -20.48 -6.11 -2.64
N LEU A 3 -21.17 -5.09 -3.15
CA LEU A 3 -20.78 -3.71 -2.89
C LEU A 3 -20.68 -3.41 -1.40
N GLY A 4 -21.59 -3.96 -0.62
CA GLY A 4 -21.57 -3.75 0.82
C GLY A 4 -20.39 -4.38 1.51
N SER A 5 -20.05 -5.60 1.11
CA SER A 5 -18.91 -6.29 1.70
C SER A 5 -17.65 -5.54 1.32
N ALA A 6 -17.55 -5.20 0.04
CA ALA A 6 -16.40 -4.47 -0.45
C ALA A 6 -16.24 -3.17 0.31
N LEU A 7 -17.37 -2.49 0.57
CA LEU A 7 -17.37 -1.22 1.28
C LEU A 7 -16.85 -1.34 2.70
N GLU A 8 -17.35 -2.29 3.49
CA GLU A 8 -16.84 -2.39 4.86
C GLU A 8 -15.39 -2.86 4.92
N ILE A 9 -14.95 -3.67 3.97
CA ILE A 9 -13.55 -4.10 3.97
C ILE A 9 -12.64 -2.90 3.69
N ALA A 10 -13.04 -2.07 2.73
CA ALA A 10 -12.25 -0.90 2.39
C ALA A 10 -12.19 0.09 3.54
N GLU A 11 -13.29 0.26 4.25
CA GLU A 11 -13.31 1.21 5.36
C GLU A 11 -12.42 0.74 6.50
N GLN A 12 -12.57 -0.53 6.88
CA GLN A 12 -11.77 -1.05 7.98
C GLN A 12 -10.29 -1.11 7.56
N LEU A 13 -10.04 -1.46 6.30
CA LEU A 13 -8.67 -1.50 5.80
C LEU A 13 -8.07 -0.11 5.91
N THR A 14 -8.88 0.89 5.55
CA THR A 14 -8.43 2.26 5.59
C THR A 14 -8.11 2.72 7.01
N LEU A 15 -8.94 2.33 7.99
CA LEU A 15 -8.68 2.67 9.39
C LEU A 15 -7.35 2.08 9.85
N LEU A 16 -7.12 0.81 9.49
CA LEU A 16 -5.88 0.14 9.87
C LEU A 16 -4.70 0.78 9.13
N ASP A 17 -4.88 1.07 7.85
CA ASP A 17 -3.81 1.68 7.06
C ASP A 17 -3.40 2.99 7.69
N HIS A 18 -4.39 3.83 7.93
CA HIS A 18 -4.10 5.12 8.50
C HIS A 18 -3.50 5.12 9.90
N LEU A 19 -3.91 4.17 10.73
CA LEU A 19 -3.37 4.12 12.08
C LEU A 19 -1.86 3.83 12.09
N VAL A 20 -1.42 2.86 11.30
CA VAL A 20 0.00 2.53 11.25
C VAL A 20 0.81 3.71 10.68
N PHE A 21 0.23 4.39 9.70
CA PHE A 21 0.84 5.55 9.04
C PHE A 21 1.03 6.73 9.99
N LYS A 22 0.01 6.98 10.81
CA LYS A 22 -0.03 8.09 11.76
C LYS A 22 0.87 7.93 12.98
N SER A 23 1.24 6.70 13.30
CA SER A 23 2.09 6.42 14.45
C SER A 23 3.57 6.64 14.19
N ILE A 24 3.93 7.04 12.97
CA ILE A 24 5.33 7.26 12.70
C ILE A 24 5.78 8.62 13.25
N PRO A 25 6.62 8.62 14.29
CA PRO A 25 7.07 9.91 14.81
C PRO A 25 7.89 10.60 13.71
N TYR A 26 7.64 11.87 13.45
CA TYR A 26 8.35 12.55 12.37
C TYR A 26 9.87 12.52 12.45
N GLU A 27 10.41 12.21 13.63
CA GLU A 27 11.85 12.13 13.79
C GLU A 27 12.44 10.98 12.95
N GLU A 28 11.61 9.96 12.67
CA GLU A 28 12.09 8.83 11.89
C GLU A 28 12.42 9.20 10.45
N PHE A 29 11.87 10.31 9.96
CA PHE A 29 12.15 10.72 8.59
C PHE A 29 13.50 11.42 8.40
N PHE A 30 14.22 11.62 9.51
CA PHE A 30 15.54 12.29 9.47
C PHE A 30 16.70 11.34 9.24
N GLY A 31 17.51 11.64 8.24
CA GLY A 31 18.69 10.83 7.96
C GLY A 31 18.52 9.45 7.35
N GLN A 32 17.47 9.26 6.55
CA GLN A 32 17.22 7.97 5.90
C GLN A 32 17.63 6.74 6.72
N GLY A 33 17.26 6.73 8.00
CA GLY A 33 17.60 5.60 8.85
C GLY A 33 16.99 4.29 8.38
N TRP A 34 15.90 4.36 7.63
CA TRP A 34 15.26 3.13 7.19
C TRP A 34 16.10 2.41 6.12
N MET A 35 17.17 3.06 5.68
CA MET A 35 18.07 2.48 4.69
C MET A 35 19.34 1.91 5.33
N LYS A 36 19.46 2.03 6.65
CA LYS A 36 20.62 1.52 7.37
C LYS A 36 20.37 0.15 7.98
N ALA A 37 21.44 -0.50 8.42
CA ALA A 37 21.34 -1.82 9.01
C ALA A 37 20.63 -1.75 10.35
N GLU A 38 20.68 -0.59 10.99
CA GLU A 38 20.03 -0.41 12.29
C GLU A 38 18.60 0.05 12.11
N LYS A 39 18.04 -0.17 10.93
CA LYS A 39 16.68 0.25 10.62
C LYS A 39 15.60 -0.15 11.63
N TYR A 40 15.59 -1.40 12.09
CA TYR A 40 14.56 -1.85 13.02
C TYR A 40 14.62 -1.16 14.37
N GLU A 41 15.81 -0.65 14.70
CA GLU A 41 16.02 0.03 15.96
C GLU A 41 15.79 1.53 15.79
N ARG A 42 16.30 2.09 14.70
CA ARG A 42 16.19 3.50 14.42
C ARG A 42 14.83 3.96 13.86
N THR A 43 14.28 3.18 12.95
CA THR A 43 12.99 3.53 12.38
C THR A 43 11.99 2.37 12.51
N PRO A 44 11.68 1.97 13.74
CA PRO A 44 10.74 0.87 13.98
C PRO A 44 9.34 1.10 13.41
N TYR A 45 8.85 2.33 13.48
CA TYR A 45 7.53 2.62 12.97
C TYR A 45 7.42 2.63 11.46
N ILE A 46 8.42 3.18 10.77
CA ILE A 46 8.39 3.16 9.32
C ILE A 46 8.37 1.68 8.89
N MET A 47 9.21 0.89 9.56
CA MET A 47 9.30 -0.54 9.30
C MET A 47 7.97 -1.25 9.56
N LYS A 48 7.24 -0.80 10.58
CA LYS A 48 5.95 -1.40 10.87
C LYS A 48 4.97 -1.11 9.74
N THR A 49 5.10 0.08 9.15
CA THR A 49 4.23 0.49 8.06
C THR A 49 4.49 -0.41 6.86
N THR A 50 5.76 -0.65 6.59
CA THR A 50 6.16 -1.51 5.48
C THR A 50 5.73 -2.96 5.74
N LYS A 51 5.80 -3.38 7.00
CA LYS A 51 5.40 -4.73 7.38
C LYS A 51 3.89 -4.87 7.15
N HIS A 52 3.15 -3.86 7.58
CA HIS A 52 1.70 -3.85 7.42
C HIS A 52 1.35 -3.96 5.94
N PHE A 53 2.06 -3.22 5.10
CA PHE A 53 1.82 -3.23 3.66
C PHE A 53 2.01 -4.65 3.07
N ASN A 54 3.06 -5.36 3.49
CA ASN A 54 3.33 -6.70 2.99
C ASN A 54 2.34 -7.72 3.54
N HIS A 55 1.85 -7.49 4.76
CA HIS A 55 0.86 -8.38 5.36
C HIS A 55 -0.44 -8.33 4.52
N VAL A 56 -0.96 -7.13 4.32
CA VAL A 56 -2.21 -6.93 3.57
C VAL A 56 -2.07 -7.50 2.17
N SER A 57 -0.95 -7.19 1.52
CA SER A 57 -0.72 -7.69 0.18
C SER A 57 -0.67 -9.22 0.16
N ASN A 58 0.01 -9.81 1.12
CA ASN A 58 0.10 -11.27 1.17
C ASN A 58 -1.21 -11.92 1.58
N PHE A 59 -1.95 -11.24 2.44
CA PHE A 59 -3.26 -11.70 2.89
C PHE A 59 -4.17 -11.86 1.66
N ILE A 60 -4.19 -10.83 0.80
CA ILE A 60 -4.99 -10.83 -0.42
C ILE A 60 -4.62 -11.90 -1.47
N ALA A 61 -3.34 -12.03 -1.77
CA ALA A 61 -2.90 -13.03 -2.75
C ALA A 61 -3.22 -14.45 -2.27
N SER A 62 -3.02 -14.69 -0.98
CA SER A 62 -3.27 -15.98 -0.36
C SER A 62 -4.75 -16.36 -0.46
N GLU A 63 -5.62 -15.43 -0.08
CA GLU A 63 -7.05 -15.69 -0.15
C GLU A 63 -7.47 -16.01 -1.57
N ILE A 64 -6.98 -15.23 -2.54
CA ILE A 64 -7.33 -15.47 -3.93
C ILE A 64 -6.86 -16.85 -4.38
N ILE A 65 -5.60 -17.17 -4.10
CA ILE A 65 -5.05 -18.46 -4.49
C ILE A 65 -5.74 -19.67 -3.83
N ARG A 66 -6.12 -19.53 -2.57
CA ARG A 66 -6.77 -20.61 -1.84
C ARG A 66 -8.23 -20.87 -2.19
N ASN A 67 -8.81 -20.08 -3.10
CA ASN A 67 -10.20 -20.30 -3.48
C ASN A 67 -10.33 -21.58 -4.31
N GLU A 68 -11.19 -22.47 -3.84
CA GLU A 68 -11.43 -23.79 -4.44
C GLU A 68 -11.59 -23.92 -5.96
N ASP A 69 -12.55 -23.22 -6.54
CA ASP A 69 -12.78 -23.31 -7.98
C ASP A 69 -12.59 -21.99 -8.73
N ILE A 70 -12.58 -22.08 -10.06
CA ILE A 70 -12.38 -20.89 -10.90
C ILE A 70 -13.35 -19.74 -10.66
N SER A 71 -14.62 -20.03 -10.40
CA SER A 71 -15.58 -18.95 -10.20
C SER A 71 -15.46 -18.21 -8.87
N ALA A 72 -15.08 -18.92 -7.82
CA ALA A 72 -14.93 -18.29 -6.52
C ALA A 72 -13.64 -17.47 -6.57
N ARG A 73 -12.70 -17.95 -7.37
CA ARG A 73 -11.41 -17.30 -7.53
C ARG A 73 -11.61 -15.96 -8.25
N ALA A 74 -12.35 -16.00 -9.35
CA ALA A 74 -12.64 -14.81 -10.13
C ALA A 74 -13.42 -13.78 -9.30
N SER A 75 -14.40 -14.25 -8.55
CA SER A 75 -15.20 -13.35 -7.75
C SER A 75 -14.39 -12.77 -6.56
N ALA A 76 -13.35 -13.48 -6.15
CA ALA A 76 -12.53 -12.96 -5.06
C ALA A 76 -11.74 -11.78 -5.62
N ILE A 77 -11.30 -11.94 -6.86
CA ILE A 77 -10.55 -10.90 -7.55
C ILE A 77 -11.45 -9.69 -7.79
N GLU A 78 -12.70 -9.94 -8.19
CA GLU A 78 -13.61 -8.84 -8.46
C GLU A 78 -13.93 -8.11 -7.17
N LYS A 79 -14.00 -8.84 -6.07
CA LYS A 79 -14.25 -8.24 -4.77
C LYS A 79 -13.12 -7.29 -4.42
N TRP A 80 -11.88 -7.79 -4.51
CA TRP A 80 -10.72 -6.96 -4.17
C TRP A 80 -10.53 -5.74 -5.06
N VAL A 81 -10.79 -5.85 -6.36
CA VAL A 81 -10.64 -4.71 -7.25
C VAL A 81 -11.67 -3.65 -6.85
N ALA A 82 -12.86 -4.10 -6.43
CA ALA A 82 -13.91 -3.20 -6.02
C ALA A 82 -13.48 -2.49 -4.76
N VAL A 83 -12.79 -3.22 -3.89
CA VAL A 83 -12.29 -2.65 -2.64
C VAL A 83 -11.23 -1.59 -2.93
N ALA A 84 -10.35 -1.89 -3.89
CA ALA A 84 -9.29 -0.97 -4.29
C ALA A 84 -9.89 0.33 -4.79
N ASP A 85 -10.96 0.22 -5.58
CA ASP A 85 -11.61 1.40 -6.10
C ASP A 85 -12.27 2.25 -5.00
N ILE A 86 -12.90 1.59 -4.04
CA ILE A 86 -13.53 2.31 -2.95
C ILE A 86 -12.41 3.00 -2.15
N CYS A 87 -11.29 2.30 -1.96
CA CYS A 87 -10.17 2.89 -1.24
C CYS A 87 -9.65 4.12 -1.99
N ARG A 88 -9.71 4.08 -3.32
CA ARG A 88 -9.26 5.22 -4.09
C ARG A 88 -10.19 6.41 -3.83
N CYS A 89 -11.48 6.14 -3.62
CA CYS A 89 -12.43 7.20 -3.33
C CYS A 89 -12.22 7.76 -1.92
N LEU A 90 -11.71 6.94 -1.01
CA LEU A 90 -11.45 7.38 0.36
C LEU A 90 -10.07 7.99 0.43
N HIS A 91 -9.39 8.03 -0.72
CA HIS A 91 -8.05 8.58 -0.82
C HIS A 91 -7.02 7.76 -0.04
N ASN A 92 -7.27 6.45 0.03
CA ASN A 92 -6.34 5.53 0.68
C ASN A 92 -5.55 4.96 -0.49
N TYR A 93 -4.57 5.71 -0.98
CA TYR A 93 -3.79 5.24 -2.11
C TYR A 93 -2.90 4.08 -1.69
N ASN A 94 -2.55 4.05 -0.41
CA ASN A 94 -1.73 2.97 0.09
C ASN A 94 -2.41 1.63 -0.19
N ALA A 95 -3.71 1.53 0.10
CA ALA A 95 -4.42 0.30 -0.15
C ALA A 95 -4.56 0.06 -1.66
N VAL A 96 -4.71 1.12 -2.45
CA VAL A 96 -4.84 0.92 -3.90
C VAL A 96 -3.59 0.20 -4.40
N LEU A 97 -2.42 0.60 -3.91
CA LEU A 97 -1.17 -0.03 -4.33
C LEU A 97 -1.05 -1.44 -3.74
N GLU A 98 -1.37 -1.59 -2.45
CA GLU A 98 -1.32 -2.91 -1.82
C GLU A 98 -2.13 -3.95 -2.60
N ILE A 99 -3.34 -3.58 -2.99
CA ILE A 99 -4.24 -4.48 -3.71
C ILE A 99 -3.85 -4.74 -5.17
N THR A 100 -3.58 -3.68 -5.93
CA THR A 100 -3.22 -3.85 -7.34
C THR A 100 -1.88 -4.55 -7.49
N SER A 101 -0.94 -4.30 -6.59
CA SER A 101 0.37 -4.94 -6.68
C SER A 101 0.24 -6.41 -6.29
N SER A 102 -0.64 -6.72 -5.34
CA SER A 102 -0.83 -8.08 -4.91
C SER A 102 -1.41 -8.93 -6.05
N ILE A 103 -2.52 -8.46 -6.61
CA ILE A 103 -3.20 -9.14 -7.71
C ILE A 103 -2.31 -9.24 -8.95
N ASN A 104 -1.32 -8.37 -9.03
CA ASN A 104 -0.40 -8.38 -10.17
C ASN A 104 0.76 -9.39 -10.00
N ARG A 105 0.83 -10.06 -8.86
CA ARG A 105 1.88 -11.07 -8.62
C ARG A 105 1.85 -12.05 -9.79
N SER A 106 3.02 -12.53 -10.20
CA SER A 106 3.08 -13.50 -11.28
C SER A 106 2.20 -14.71 -10.94
N ALA A 107 2.20 -15.14 -9.69
CA ALA A 107 1.39 -16.31 -9.30
C ALA A 107 -0.10 -16.13 -9.59
N ILE A 108 -0.60 -14.89 -9.53
CA ILE A 108 -2.01 -14.63 -9.81
C ILE A 108 -2.22 -14.24 -11.27
N PHE A 109 -1.27 -13.50 -11.83
CA PHE A 109 -1.35 -13.07 -13.23
C PHE A 109 -1.40 -14.25 -14.22
N ARG A 110 -0.62 -15.30 -13.96
CA ARG A 110 -0.56 -16.48 -14.85
C ARG A 110 -1.82 -17.36 -14.86
N LEU A 111 -2.77 -17.07 -13.98
CA LEU A 111 -4.01 -17.84 -13.90
C LEU A 111 -4.97 -17.48 -15.04
N LYS A 112 -4.51 -17.67 -16.26
CA LYS A 112 -5.26 -17.34 -17.47
C LYS A 112 -6.73 -17.76 -17.49
N LYS A 113 -7.02 -19.01 -17.14
CA LYS A 113 -8.40 -19.48 -17.15
C LYS A 113 -9.29 -18.72 -16.15
N THR A 114 -8.72 -18.30 -15.03
CA THR A 114 -9.46 -17.56 -14.02
C THR A 114 -9.79 -16.16 -14.53
N TRP A 115 -8.81 -15.54 -15.17
CA TRP A 115 -9.00 -14.21 -15.70
C TRP A 115 -10.07 -14.13 -16.79
N LEU A 116 -10.30 -15.24 -17.48
CA LEU A 116 -11.33 -15.27 -18.51
C LEU A 116 -12.67 -15.03 -17.83
N LYS A 117 -12.82 -15.54 -16.60
CA LYS A 117 -14.07 -15.38 -15.88
C LYS A 117 -14.22 -14.08 -15.09
N VAL A 118 -13.23 -13.19 -15.19
CA VAL A 118 -13.32 -11.91 -14.50
C VAL A 118 -13.98 -10.92 -15.45
N SER A 119 -14.99 -10.20 -14.96
CA SER A 119 -15.73 -9.23 -15.78
C SER A 119 -14.83 -8.20 -16.47
N LYS A 120 -15.24 -7.78 -17.66
CA LYS A 120 -14.46 -6.80 -18.40
C LYS A 120 -14.51 -5.44 -17.69
N GLN A 121 -15.54 -5.25 -16.87
CA GLN A 121 -15.66 -4.00 -16.13
C GLN A 121 -14.58 -4.01 -15.05
N THR A 122 -14.35 -5.18 -14.45
CA THR A 122 -13.33 -5.36 -13.41
C THR A 122 -11.94 -5.22 -14.00
N LYS A 123 -11.70 -5.84 -15.16
CA LYS A 123 -10.39 -5.74 -15.79
C LYS A 123 -10.07 -4.29 -16.15
N SER A 124 -11.10 -3.55 -16.55
CA SER A 124 -10.95 -2.17 -16.92
C SER A 124 -10.66 -1.33 -15.69
N LEU A 125 -11.40 -1.60 -14.63
CA LEU A 125 -11.24 -0.87 -13.38
C LEU A 125 -9.84 -1.06 -12.82
N LEU A 126 -9.31 -2.27 -12.94
CA LEU A 126 -7.97 -2.59 -12.45
C LEU A 126 -6.93 -1.79 -13.22
N ASP A 127 -7.09 -1.73 -14.53
CA ASP A 127 -6.16 -1.03 -15.40
C ASP A 127 -6.03 0.45 -15.00
N LYS A 128 -7.15 1.10 -14.74
CA LYS A 128 -7.14 2.51 -14.34
C LYS A 128 -6.44 2.62 -12.99
N LEU A 129 -6.76 1.71 -12.08
CA LEU A 129 -6.17 1.71 -10.75
C LEU A 129 -4.65 1.52 -10.77
N GLN A 130 -4.17 0.62 -11.62
CA GLN A 130 -2.72 0.39 -11.70
C GLN A 130 -2.04 1.63 -12.28
N LYS A 131 -2.70 2.26 -13.25
CA LYS A 131 -2.14 3.48 -13.84
C LYS A 131 -2.01 4.56 -12.77
N LEU A 132 -3.07 4.74 -11.99
CA LEU A 132 -3.04 5.74 -10.95
C LEU A 132 -1.87 5.55 -10.00
N VAL A 133 -1.61 4.31 -9.60
CA VAL A 133 -0.51 4.06 -8.67
C VAL A 133 0.79 3.52 -9.27
N SER A 134 0.94 3.69 -10.58
CA SER A 134 2.14 3.23 -11.27
C SER A 134 3.39 3.91 -10.71
N SER A 135 4.49 3.17 -10.58
CA SER A 135 5.72 3.75 -10.07
C SER A 135 6.44 4.63 -11.12
N ASP A 136 6.01 4.59 -12.38
CA ASP A 136 6.67 5.38 -13.40
C ASP A 136 6.73 6.86 -13.06
N GLY A 137 7.86 7.47 -13.39
CA GLY A 137 8.06 8.88 -13.12
C GLY A 137 8.01 9.17 -11.63
N ARG A 138 8.52 8.22 -10.85
CA ARG A 138 8.53 8.37 -9.40
C ARG A 138 7.09 8.58 -8.93
N PHE A 139 6.20 7.69 -9.36
CA PHE A 139 4.78 7.77 -9.00
C PHE A 139 4.18 9.09 -9.42
N LYS A 140 4.45 9.48 -10.66
CA LYS A 140 3.94 10.73 -11.19
C LYS A 140 2.44 10.93 -10.99
N ASN A 141 1.64 9.97 -11.45
CA ASN A 141 0.18 10.11 -11.35
C ASN A 141 -0.32 10.18 -9.92
N LEU A 142 0.30 9.36 -9.06
CA LEU A 142 -0.08 9.32 -7.66
C LEU A 142 0.31 10.63 -6.96
N ARG A 143 1.52 11.12 -7.24
CA ARG A 143 1.99 12.35 -6.63
C ARG A 143 1.06 13.50 -7.03
N GLU A 144 0.69 13.54 -8.30
CA GLU A 144 -0.22 14.58 -8.81
C GLU A 144 -1.58 14.47 -8.12
N SER A 145 -2.06 13.25 -7.93
CA SER A 145 -3.35 13.04 -7.27
C SER A 145 -3.28 13.50 -5.81
N LEU A 146 -2.11 13.35 -5.21
CA LEU A 146 -1.92 13.75 -3.82
C LEU A 146 -1.72 15.24 -3.66
N ARG A 147 -1.24 15.89 -4.71
CA ARG A 147 -1.00 17.33 -4.68
C ARG A 147 -2.33 18.06 -4.43
N ASN A 148 -3.37 17.62 -5.13
CA ASN A 148 -4.71 18.21 -5.05
C ASN A 148 -5.60 17.35 -4.15
N CYS A 149 -5.10 16.98 -2.97
CA CYS A 149 -5.89 16.12 -2.10
C CYS A 149 -6.13 16.64 -0.68
N ASP A 150 -7.38 16.61 -0.25
CA ASP A 150 -7.78 17.05 1.09
C ASP A 150 -7.92 15.84 2.00
N PRO A 151 -7.23 15.86 3.15
CA PRO A 151 -7.35 14.72 4.08
C PRO A 151 -8.81 14.59 4.50
N PRO A 152 -9.18 13.46 5.12
CA PRO A 152 -8.35 12.31 5.47
C PRO A 152 -7.77 11.62 4.23
N CYS A 153 -6.56 11.10 4.38
CA CYS A 153 -5.88 10.45 3.27
C CYS A 153 -4.73 9.56 3.74
N VAL A 154 -4.48 8.48 3.01
CA VAL A 154 -3.38 7.60 3.35
C VAL A 154 -2.50 7.40 2.13
N PRO A 155 -1.36 8.10 2.08
CA PRO A 155 -0.47 7.95 0.92
C PRO A 155 0.35 6.67 1.01
N TYR A 156 1.07 6.36 -0.06
CA TYR A 156 1.98 5.22 -0.09
C TYR A 156 3.25 5.83 0.50
N LEU A 157 3.72 5.32 1.62
CA LEU A 157 4.90 5.91 2.26
C LEU A 157 6.20 5.79 1.45
N GLY A 158 6.36 4.68 0.72
CA GLY A 158 7.57 4.48 -0.07
C GLY A 158 7.94 5.65 -0.99
N MET A 159 6.93 6.32 -1.54
CA MET A 159 7.16 7.46 -2.44
C MET A 159 7.90 8.58 -1.70
N TYR A 160 7.44 8.91 -0.50
CA TYR A 160 8.07 9.96 0.30
C TYR A 160 9.45 9.52 0.77
N LEU A 161 9.60 8.25 1.13
CA LEU A 161 10.89 7.74 1.59
C LEU A 161 11.92 7.94 0.48
N THR A 162 11.55 7.60 -0.75
CA THR A 162 12.45 7.75 -1.88
C THR A 162 12.82 9.21 -2.10
N ASP A 163 11.84 10.12 -2.00
CA ASP A 163 12.10 11.55 -2.17
C ASP A 163 13.13 12.01 -1.14
N LEU A 164 13.03 11.49 0.09
CA LEU A 164 13.95 11.83 1.16
C LEU A 164 15.36 11.28 0.92
N VAL A 165 15.45 10.05 0.42
CA VAL A 165 16.75 9.46 0.12
C VAL A 165 17.43 10.36 -0.91
N PHE A 166 16.67 10.75 -1.92
CA PHE A 166 17.16 11.61 -2.99
C PHE A 166 17.77 12.90 -2.42
N ILE A 167 17.08 13.52 -1.46
CA ILE A 167 17.60 14.73 -0.87
C ILE A 167 18.82 14.43 0.00
N GLU A 168 18.77 13.34 0.77
CA GLU A 168 19.87 12.97 1.63
C GLU A 168 21.17 12.71 0.87
N GLU A 169 21.09 11.92 -0.19
CA GLU A 169 22.25 11.60 -1.03
C GLU A 169 22.79 12.76 -1.86
N GLY A 170 21.92 13.69 -2.24
CA GLY A 170 22.33 14.81 -3.08
C GLY A 170 22.74 16.11 -2.42
N THR A 171 22.60 16.21 -1.11
CA THR A 171 22.95 17.44 -0.40
C THR A 171 23.72 17.07 0.87
N PRO A 172 24.75 17.86 1.22
CA PRO A 172 25.54 17.57 2.42
C PRO A 172 24.88 18.09 3.71
N ASN A 173 24.98 17.32 4.80
CA ASN A 173 24.41 17.74 6.07
C ASN A 173 25.06 19.03 6.55
N TYR A 174 26.37 19.10 6.35
CA TYR A 174 27.14 20.28 6.76
C TYR A 174 27.71 20.96 5.54
N THR A 175 28.02 22.26 5.69
CA THR A 175 28.59 23.04 4.61
C THR A 175 30.09 22.83 4.63
N GLU A 176 30.78 23.38 3.64
CA GLU A 176 32.23 23.24 3.55
C GLU A 176 32.94 23.74 4.80
N ASP A 177 32.32 24.71 5.49
CA ASP A 177 32.90 25.27 6.70
C ASP A 177 32.58 24.44 7.93
N GLY A 178 31.85 23.34 7.74
CA GLY A 178 31.51 22.49 8.87
C GLY A 178 30.24 22.93 9.61
N LEU A 179 29.51 23.87 9.03
CA LEU A 179 28.27 24.35 9.64
C LEU A 179 27.08 23.54 9.13
N VAL A 180 26.03 23.49 9.93
CA VAL A 180 24.82 22.78 9.53
C VAL A 180 24.27 23.42 8.25
N ASN A 181 23.95 22.61 7.26
CA ASN A 181 23.40 23.11 5.99
C ASN A 181 21.89 23.31 6.18
N PHE A 182 21.49 24.48 6.67
CA PHE A 182 20.07 24.76 6.91
C PHE A 182 19.22 24.66 5.67
N SER A 183 19.81 24.93 4.51
CA SER A 183 19.10 24.82 3.25
C SER A 183 18.52 23.39 3.12
N LYS A 184 19.34 22.40 3.45
CA LYS A 184 18.96 21.00 3.40
C LYS A 184 17.93 20.65 4.48
N MET A 185 18.03 21.28 5.64
CA MET A 185 17.09 21.02 6.73
C MET A 185 15.69 21.41 6.26
N ARG A 186 15.57 22.54 5.55
CA ARG A 186 14.27 23.01 5.05
C ARG A 186 13.71 22.11 3.96
N MET A 187 14.57 21.62 3.07
CA MET A 187 14.13 20.74 1.99
C MET A 187 13.48 19.51 2.62
N ILE A 188 14.16 18.94 3.59
CA ILE A 188 13.64 17.77 4.28
C ILE A 188 12.35 18.06 5.04
N SER A 189 12.29 19.21 5.71
CA SER A 189 11.10 19.59 6.47
C SER A 189 9.86 19.74 5.59
N HIS A 190 10.04 20.41 4.45
CA HIS A 190 8.96 20.62 3.53
C HIS A 190 8.25 19.29 3.23
N ILE A 191 9.03 18.24 3.02
CA ILE A 191 8.46 16.92 2.73
C ILE A 191 7.79 16.33 3.97
N ILE A 192 8.44 16.44 5.12
CA ILE A 192 7.88 15.90 6.34
C ILE A 192 6.58 16.61 6.67
N ARG A 193 6.50 17.89 6.34
CA ARG A 193 5.28 18.63 6.61
C ARG A 193 4.06 18.10 5.85
N GLU A 194 4.23 17.77 4.58
CA GLU A 194 3.10 17.24 3.82
C GLU A 194 2.67 15.94 4.49
N ILE A 195 3.65 15.12 4.85
CA ILE A 195 3.38 13.85 5.51
C ILE A 195 2.58 14.04 6.81
N ARG A 196 3.03 14.97 7.65
CA ARG A 196 2.34 15.22 8.91
C ARG A 196 0.89 15.66 8.69
N GLN A 197 0.65 16.43 7.63
CA GLN A 197 -0.70 16.88 7.33
C GLN A 197 -1.65 15.70 7.15
N PHE A 198 -1.20 14.71 6.40
CA PHE A 198 -2.01 13.53 6.15
C PHE A 198 -2.12 12.61 7.38
N GLN A 199 -1.14 12.68 8.27
CA GLN A 199 -1.17 11.85 9.48
C GLN A 199 -2.15 12.40 10.51
N GLN A 200 -2.29 13.71 10.53
CA GLN A 200 -3.13 14.37 11.52
C GLN A 200 -4.63 14.29 11.39
N THR A 201 -5.15 14.37 10.17
CA THR A 201 -6.59 14.27 10.01
C THR A 201 -6.96 12.79 10.01
N THR A 202 -7.90 12.40 10.86
CA THR A 202 -8.31 11.00 10.89
C THR A 202 -9.63 10.76 10.16
N TYR A 203 -9.87 9.50 9.82
CA TYR A 203 -11.10 9.13 9.14
C TYR A 203 -12.24 8.99 10.15
N LYS A 204 -13.42 9.44 9.75
CA LYS A 204 -14.61 9.35 10.58
C LYS A 204 -15.31 8.02 10.28
N ILE A 205 -14.65 6.93 10.64
CA ILE A 205 -15.17 5.60 10.42
C ILE A 205 -15.10 4.82 11.72
N ASP A 206 -16.21 4.19 12.11
CA ASP A 206 -16.21 3.42 13.34
C ASP A 206 -15.58 2.07 13.05
N PRO A 207 -14.82 1.52 14.01
CA PRO A 207 -14.21 0.23 13.77
C PRO A 207 -15.29 -0.85 13.79
N GLN A 208 -15.00 -1.99 13.16
CA GLN A 208 -15.92 -3.13 13.08
C GLN A 208 -15.09 -4.37 13.44
N PRO A 209 -15.08 -4.76 14.73
CA PRO A 209 -14.31 -5.91 15.23
C PRO A 209 -14.34 -7.19 14.40
N LYS A 210 -15.52 -7.58 13.91
CA LYS A 210 -15.61 -8.79 13.11
C LYS A 210 -14.82 -8.67 11.81
N VAL A 211 -14.92 -7.51 11.17
CA VAL A 211 -14.21 -7.28 9.92
C VAL A 211 -12.71 -7.20 10.20
N ILE A 212 -12.36 -6.50 11.28
CA ILE A 212 -10.96 -6.36 11.68
C ILE A 212 -10.34 -7.73 11.97
N GLN A 213 -11.10 -8.59 12.66
CA GLN A 213 -10.64 -9.93 13.00
C GLN A 213 -10.32 -10.69 11.72
N TYR A 214 -11.19 -10.56 10.74
CA TYR A 214 -11.02 -11.19 9.43
C TYR A 214 -9.74 -10.72 8.74
N LEU A 215 -9.53 -9.41 8.74
CA LEU A 215 -8.37 -8.79 8.11
C LEU A 215 -7.05 -9.10 8.79
N LEU A 216 -7.08 -9.28 10.12
CA LEU A 216 -5.85 -9.54 10.86
C LEU A 216 -5.48 -11.01 11.01
N ASP A 217 -6.31 -11.88 10.43
CA ASP A 217 -6.06 -13.32 10.48
C ASP A 217 -4.84 -13.69 9.64
N GLU A 218 -3.99 -14.56 10.16
CA GLU A 218 -2.81 -14.97 9.42
C GLU A 218 -2.80 -16.47 9.19
N SER A 219 -3.83 -17.13 9.68
CA SER A 219 -3.97 -18.58 9.57
C SER A 219 -3.78 -19.19 8.18
N PHE A 220 -4.17 -18.48 7.13
CA PHE A 220 -4.05 -19.04 5.78
C PHE A 220 -2.95 -18.47 4.91
N MET A 221 -2.10 -17.62 5.48
CA MET A 221 -0.99 -16.99 4.75
C MET A 221 -0.07 -17.99 4.06
N LEU A 222 0.29 -17.70 2.81
CA LEU A 222 1.19 -18.53 2.03
C LEU A 222 2.34 -17.63 1.61
N ASP A 223 3.58 -18.07 1.81
CA ASP A 223 4.74 -17.26 1.41
C ASP A 223 4.92 -17.21 -0.10
N GLU A 224 5.83 -16.35 -0.53
CA GLU A 224 6.12 -16.16 -1.96
C GLU A 224 6.20 -17.44 -2.76
N GLU A 225 6.97 -18.41 -2.29
CA GLU A 225 7.12 -19.67 -3.01
C GLU A 225 5.90 -20.59 -2.97
N SER A 226 5.19 -20.62 -1.84
CA SER A 226 4.00 -21.44 -1.71
C SER A 226 2.92 -20.93 -2.65
N LEU A 227 2.86 -19.61 -2.81
CA LEU A 227 1.89 -18.98 -3.70
C LEU A 227 2.09 -19.38 -5.16
N TYR A 228 3.33 -19.36 -5.64
CA TYR A 228 3.59 -19.69 -7.04
C TYR A 228 3.47 -21.21 -7.21
N GLU A 229 3.78 -21.94 -6.15
CA GLU A 229 3.70 -23.39 -6.20
C GLU A 229 2.24 -23.82 -6.28
N SER A 230 1.39 -23.17 -5.49
CA SER A 230 -0.03 -23.47 -5.50
C SER A 230 -0.59 -23.12 -6.89
N SER A 231 -0.12 -21.99 -7.42
CA SER A 231 -0.54 -21.51 -8.73
C SER A 231 -0.33 -22.58 -9.81
N LEU A 232 0.85 -23.18 -9.79
CA LEU A 232 1.21 -24.23 -10.72
C LEU A 232 0.27 -25.45 -10.62
N LEU A 233 -0.27 -25.70 -9.42
CA LEU A 233 -1.18 -26.82 -9.21
C LEU A 233 -2.61 -26.48 -9.64
N ILE A 234 -2.97 -25.21 -9.58
CA ILE A 234 -4.30 -24.76 -9.98
C ILE A 234 -4.37 -24.71 -11.51
N GLU A 235 -3.29 -24.23 -12.12
CA GLU A 235 -3.21 -24.12 -13.58
C GLU A 235 -1.78 -24.43 -14.05
N PRO A 236 -1.50 -25.70 -14.41
CA PRO A 236 -0.20 -26.18 -14.90
C PRO A 236 0.34 -25.40 -16.10
N LYS A 237 1.66 -25.33 -16.24
CA LYS A 237 2.27 -24.61 -17.35
C LYS A 237 1.97 -25.27 -18.69
#